data_3V53
#
_entry.id   3V53
#
_cell.length_a   81.577
_cell.length_b   86.172
_cell.length_c   197.174
_cell.angle_alpha   90.00
_cell.angle_beta   90.00
_cell.angle_gamma   90.00
#
_symmetry.space_group_name_H-M   'C 2 2 21'
#
_entity_poly.entity_id   1
_entity_poly.type   'polypeptide(L)'
_entity_poly.pdbx_seq_one_letter_code
;MGHHHHHHMKRKHIKSLIEKIPTAKPELFAYPLDWSIVDSILMERRIRPWINKKIIEYIGEEEATLVDFVCSKVMAHSSP
QSILDDVAMVLDEEAEVFIVKMWRLLIYETEAKKIGLVK
;
_entity_poly.pdbx_strand_id   A,B,C,D,E
#
# COMPACT_ATOMS: atom_id res chain seq x y z
N HIS A 5 -18.89 28.49 21.09
CA HIS A 5 -18.04 28.94 19.95
C HIS A 5 -16.69 28.23 19.91
N HIS A 6 -16.26 27.71 21.07
CA HIS A 6 -14.96 27.04 21.23
C HIS A 6 -14.59 26.14 20.04
N HIS A 7 -15.45 25.17 19.75
CA HIS A 7 -15.37 24.36 18.53
C HIS A 7 -16.78 24.18 17.99
N HIS A 8 -17.70 24.95 18.56
CA HIS A 8 -19.13 24.87 18.28
C HIS A 8 -19.50 25.31 16.86
N MET A 9 -18.86 26.38 16.37
CA MET A 9 -19.11 26.90 15.02
C MET A 9 -18.60 25.97 13.94
N LYS A 10 -17.53 25.25 14.24
CA LYS A 10 -16.92 24.30 13.30
C LYS A 10 -17.81 23.08 13.06
N ARG A 11 -18.53 22.66 14.10
CA ARG A 11 -19.37 21.47 14.03
C ARG A 11 -20.75 21.75 13.43
N LYS A 12 -21.33 22.90 13.79
CA LYS A 12 -22.67 23.30 13.38
C LYS A 12 -22.82 23.50 11.85
N HIS A 13 -21.77 24.10 11.26
CA HIS A 13 -21.76 24.29 9.82
C HIS A 13 -20.68 23.32 9.38
N ILE A 14 -21.09 22.06 9.17
CA ILE A 14 -20.19 21.02 8.71
C ILE A 14 -20.50 20.81 7.25
N LYS A 15 -21.77 20.96 6.91
CA LYS A 15 -22.27 20.76 5.55
C LYS A 15 -21.87 21.92 4.67
N SER A 16 -21.84 23.11 5.26
CA SER A 16 -21.56 24.35 4.54
C SER A 16 -20.06 24.55 4.32
N LEU A 17 -19.28 24.37 5.38
CA LEU A 17 -17.84 24.59 5.34
C LEU A 17 -17.11 23.58 4.47
N ILE A 18 -17.63 22.35 4.42
CA ILE A 18 -17.01 21.30 3.63
C ILE A 18 -17.21 21.54 2.14
N GLU A 19 -18.32 22.19 1.80
CA GLU A 19 -18.65 22.52 0.41
C GLU A 19 -17.66 23.52 -0.16
N LYS A 20 -17.12 24.39 0.71
CA LYS A 20 -16.14 25.40 0.32
C LYS A 20 -14.80 24.80 -0.14
N ILE A 21 -14.42 23.67 0.45
CA ILE A 21 -13.13 23.03 0.17
C ILE A 21 -13.12 22.27 -1.17
N PRO A 22 -12.23 22.66 -2.09
CA PRO A 22 -12.07 22.03 -3.40
C PRO A 22 -11.45 20.64 -3.30
N THR A 23 -11.87 19.72 -4.18
CA THR A 23 -11.40 18.34 -4.16
C THR A 23 -10.22 18.10 -5.11
N ALA A 24 -9.97 19.07 -5.99
CA ALA A 24 -8.84 18.99 -6.93
C ALA A 24 -7.68 19.85 -6.45
N LYS A 25 -6.50 19.24 -6.35
CA LYS A 25 -5.28 19.91 -5.87
C LYS A 25 -4.99 21.27 -6.53
N PRO A 26 -4.99 21.33 -7.88
CA PRO A 26 -4.72 22.63 -8.52
C PRO A 26 -5.74 23.70 -8.13
N GLU A 27 -7.02 23.33 -8.07
CA GLU A 27 -8.08 24.23 -7.61
C GLU A 27 -7.91 24.62 -6.14
N LEU A 28 -7.60 23.63 -5.31
CA LEU A 28 -7.44 23.82 -3.87
C LEU A 28 -6.19 24.63 -3.52
N PHE A 29 -5.14 24.44 -4.30
CA PHE A 29 -3.92 25.22 -4.13
C PHE A 29 -4.13 26.67 -4.57
N ALA A 30 -5.07 26.86 -5.49
CA ALA A 30 -5.40 28.18 -6.01
C ALA A 30 -6.35 28.96 -5.07
N TYR A 31 -6.96 28.24 -4.12
CA TYR A 31 -7.95 28.82 -3.22
C TYR A 31 -7.47 30.11 -2.56
N PRO A 32 -8.27 31.19 -2.63
CA PRO A 32 -7.97 32.48 -2.02
C PRO A 32 -7.98 32.41 -0.49
N LEU A 33 -6.87 32.00 0.09
CA LEU A 33 -6.76 31.86 1.53
C LEU A 33 -6.59 33.20 2.22
N ASP A 34 -7.45 33.45 3.22
CA ASP A 34 -7.35 34.66 4.02
C ASP A 34 -6.32 34.47 5.13
N TRP A 35 -5.14 35.04 4.92
CA TRP A 35 -4.02 34.93 5.87
C TRP A 35 -4.22 35.79 7.12
N SER A 36 -5.18 36.70 7.06
CA SER A 36 -5.46 37.63 8.18
C SER A 36 -6.06 36.90 9.37
N ILE A 37 -6.73 35.79 9.10
CA ILE A 37 -7.29 34.93 10.14
C ILE A 37 -6.22 33.96 10.63
N VAL A 38 -5.26 33.64 9.77
CA VAL A 38 -4.11 32.83 10.16
C VAL A 38 -3.20 33.70 11.02
N ASP A 39 -3.51 33.76 12.31
CA ASP A 39 -2.82 34.64 13.24
C ASP A 39 -1.92 33.86 14.19
N SER A 40 -1.40 34.56 15.20
CA SER A 40 -0.54 33.96 16.22
C SER A 40 -1.26 32.87 17.03
N ILE A 41 -2.53 33.10 17.32
CA ILE A 41 -3.34 32.18 18.12
C ILE A 41 -3.63 30.85 17.40
N LEU A 42 -4.17 30.93 16.18
CA LEU A 42 -4.57 29.76 15.38
C LEU A 42 -3.47 28.72 15.19
N MET A 43 -2.22 29.18 15.25
CA MET A 43 -1.05 28.32 15.16
C MET A 43 -0.89 27.39 16.35
N GLU A 44 -0.96 27.97 17.56
CA GLU A 44 -0.77 27.20 18.78
C GLU A 44 -2.00 26.36 19.10
N ARG A 45 -3.18 26.93 18.83
CA ARG A 45 -4.45 26.26 19.09
C ARG A 45 -4.64 25.00 18.24
N ARG A 46 -4.62 25.15 16.92
CA ARG A 46 -4.99 24.05 16.01
C ARG A 46 -3.93 23.62 15.00
N ILE A 47 -3.17 24.58 14.49
CA ILE A 47 -2.28 24.31 13.35
C ILE A 47 -0.98 23.63 13.78
N ARG A 48 -0.25 24.28 14.68
CA ARG A 48 1.05 23.78 15.13
C ARG A 48 1.00 22.37 15.72
N PRO A 49 0.01 22.10 16.61
CA PRO A 49 -0.07 20.74 17.14
C PRO A 49 -0.44 19.73 16.06
N TRP A 50 -1.31 20.13 15.13
CA TRP A 50 -1.75 19.27 14.03
C TRP A 50 -0.56 18.86 13.17
N ILE A 51 0.34 19.81 12.91
CA ILE A 51 1.56 19.55 12.15
C ILE A 51 2.45 18.55 12.91
N ASN A 52 2.69 18.86 14.18
CA ASN A 52 3.55 18.04 15.03
C ASN A 52 3.03 16.61 15.21
N LYS A 53 1.70 16.46 15.29
CA LYS A 53 1.08 15.15 15.42
C LYS A 53 1.22 14.34 14.13
N LYS A 54 0.96 14.99 13.00
CA LYS A 54 0.99 14.34 11.69
C LYS A 54 2.40 13.98 11.23
N ILE A 55 3.41 14.65 11.80
CA ILE A 55 4.80 14.43 11.41
C ILE A 55 5.37 13.12 11.99
N ILE A 56 4.74 12.62 13.06
CA ILE A 56 5.16 11.38 13.70
C ILE A 56 4.94 10.16 12.80
N GLU A 57 3.84 10.17 12.05
CA GLU A 57 3.50 9.06 11.16
C GLU A 57 4.50 8.89 10.01
N TYR A 58 5.06 10.00 9.56
CA TYR A 58 6.02 9.96 8.48
C TYR A 58 7.43 9.55 8.94
N ILE A 59 7.83 10.06 10.12
CA ILE A 59 9.23 9.89 10.58
C ILE A 59 9.50 9.15 11.91
N GLY A 60 8.70 9.45 12.94
CA GLY A 60 8.93 8.87 14.28
C GLY A 60 9.76 9.77 15.23
N ALA A 64 11.33 17.05 14.33
CA ALA A 64 11.48 17.81 15.56
C ALA A 64 11.75 19.29 15.28
N THR A 65 12.94 19.60 14.76
CA THR A 65 13.32 20.96 14.40
C THR A 65 12.60 21.43 13.13
N LEU A 66 12.31 20.48 12.24
CA LEU A 66 11.60 20.75 10.98
C LEU A 66 10.18 21.28 11.21
N VAL A 67 9.55 20.84 12.29
CA VAL A 67 8.18 21.23 12.62
C VAL A 67 8.00 22.75 12.63
N ASP A 68 8.93 23.45 13.27
CA ASP A 68 8.89 24.91 13.38
C ASP A 68 9.11 25.60 12.04
N PHE A 69 9.90 24.97 11.17
CA PHE A 69 10.14 25.49 9.83
C PHE A 69 8.84 25.62 9.03
N VAL A 70 8.02 24.58 9.09
CA VAL A 70 6.77 24.54 8.35
C VAL A 70 5.80 25.59 8.89
N CYS A 71 5.77 25.74 10.21
CA CYS A 71 4.92 26.73 10.86
C CYS A 71 5.26 28.13 10.37
N SER A 72 6.55 28.46 10.42
CA SER A 72 7.04 29.78 10.02
C SER A 72 6.73 30.11 8.56
N LYS A 73 6.73 29.08 7.72
CA LYS A 73 6.41 29.27 6.30
C LYS A 73 4.92 29.54 6.07
N VAL A 74 4.07 28.96 6.91
CA VAL A 74 2.64 29.24 6.86
C VAL A 74 2.38 30.66 7.38
N MET A 75 3.14 31.05 8.41
CA MET A 75 3.08 32.39 8.95
C MET A 75 3.67 33.43 8.00
N ALA A 76 4.61 32.99 7.16
CA ALA A 76 5.17 33.84 6.11
C ALA A 76 4.23 33.93 4.91
N HIS A 77 3.09 33.27 5.01
CA HIS A 77 2.04 33.24 3.99
C HIS A 77 2.56 32.78 2.62
N SER A 78 3.33 31.69 2.62
CA SER A 78 3.93 31.16 1.41
C SER A 78 2.94 30.36 0.56
N SER A 79 3.23 30.27 -0.74
CA SER A 79 2.46 29.46 -1.66
C SER A 79 2.49 28.00 -1.23
N PRO A 80 1.32 27.33 -1.23
CA PRO A 80 1.27 25.93 -0.82
C PRO A 80 2.29 25.05 -1.55
N GLN A 81 2.48 25.30 -2.84
CA GLN A 81 3.44 24.55 -3.66
C GLN A 81 4.89 24.85 -3.26
N SER A 82 5.15 26.07 -2.80
CA SER A 82 6.49 26.47 -2.36
C SER A 82 6.95 25.68 -1.14
N ILE A 83 6.02 25.47 -0.20
CA ILE A 83 6.31 24.69 1.00
C ILE A 83 6.51 23.22 0.64
N LEU A 84 5.59 22.68 -0.15
CA LEU A 84 5.63 21.29 -0.62
C LEU A 84 7.00 20.95 -1.19
N ASP A 85 7.55 21.87 -1.99
CA ASP A 85 8.87 21.70 -2.59
C ASP A 85 9.95 21.52 -1.52
N ASP A 86 9.88 22.36 -0.49
CA ASP A 86 10.83 22.31 0.62
C ASP A 86 10.68 21.06 1.47
N VAL A 87 9.44 20.60 1.63
CA VAL A 87 9.16 19.41 2.45
C VAL A 87 9.51 18.13 1.71
N ALA A 88 9.43 18.17 0.38
CA ALA A 88 9.77 17.03 -0.48
C ALA A 88 11.24 16.61 -0.34
N MET A 89 12.05 17.54 0.17
CA MET A 89 13.46 17.29 0.43
C MET A 89 13.66 16.37 1.63
N VAL A 90 12.58 16.16 2.39
CA VAL A 90 12.63 15.35 3.60
C VAL A 90 11.70 14.13 3.53
N LEU A 91 10.53 14.30 2.92
CA LEU A 91 9.47 13.28 3.01
C LEU A 91 8.91 12.72 1.69
N ASP A 92 9.72 12.77 0.62
CA ASP A 92 9.36 12.18 -0.68
C ASP A 92 7.96 12.57 -1.19
N GLU A 93 7.25 11.59 -1.75
CA GLU A 93 5.90 11.79 -2.26
C GLU A 93 4.84 11.75 -1.16
N GLU A 94 5.27 11.44 0.06
CA GLU A 94 4.41 11.52 1.24
C GLU A 94 4.19 12.99 1.61
N ALA A 95 5.18 13.82 1.31
CA ALA A 95 5.12 15.26 1.55
C ALA A 95 4.04 15.96 0.72
N GLU A 96 3.74 15.41 -0.46
CA GLU A 96 2.71 15.94 -1.35
C GLU A 96 1.32 15.69 -0.78
N VAL A 97 1.14 14.52 -0.17
CA VAL A 97 -0.11 14.17 0.50
C VAL A 97 -0.27 15.03 1.76
N PHE A 98 0.87 15.45 2.31
CA PHE A 98 0.89 16.20 3.57
C PHE A 98 0.24 17.57 3.45
N ILE A 99 0.65 18.35 2.45
CA ILE A 99 0.20 19.73 2.30
C ILE A 99 -1.25 19.82 1.83
N VAL A 100 -1.63 18.93 0.90
CA VAL A 100 -3.02 18.82 0.47
C VAL A 100 -3.95 18.77 1.70
N LYS A 101 -3.67 17.86 2.62
CA LYS A 101 -4.47 17.70 3.83
C LYS A 101 -4.39 18.91 4.76
N MET A 102 -3.24 19.59 4.75
CA MET A 102 -3.06 20.80 5.56
C MET A 102 -3.85 21.97 4.98
N TRP A 103 -3.87 22.06 3.66
CA TRP A 103 -4.58 23.14 3.01
C TRP A 103 -6.08 23.01 3.27
N ARG A 104 -6.57 21.77 3.21
CA ARG A 104 -7.94 21.49 3.60
C ARG A 104 -8.22 21.94 5.03
N LEU A 105 -7.19 21.91 5.88
CA LEU A 105 -7.32 22.34 7.27
C LEU A 105 -7.39 23.85 7.36
N LEU A 106 -6.43 24.52 6.72
CA LEU A 106 -6.38 25.97 6.71
C LEU A 106 -7.66 26.57 6.18
N ILE A 107 -8.12 26.11 5.03
CA ILE A 107 -9.37 26.59 4.44
C ILE A 107 -10.51 26.46 5.46
N TYR A 108 -10.69 25.25 5.98
CA TYR A 108 -11.74 24.96 6.96
C TYR A 108 -11.67 25.85 8.20
N GLU A 109 -10.47 26.06 8.73
CA GLU A 109 -10.28 26.87 9.93
C GLU A 109 -10.55 28.34 9.63
N THR A 110 -9.78 28.90 8.69
CA THR A 110 -9.91 30.29 8.28
C THR A 110 -11.36 30.64 7.93
N GLU A 111 -12.02 29.75 7.19
CA GLU A 111 -13.41 29.96 6.78
C GLU A 111 -14.39 29.92 7.96
N ALA A 112 -14.08 29.10 8.96
CA ALA A 112 -14.96 28.89 10.12
C ALA A 112 -15.06 30.10 11.02
N LYS A 113 -13.94 30.82 11.18
CA LYS A 113 -13.93 32.03 12.00
C LYS A 113 -14.63 33.21 11.32
N LYS A 114 -14.87 33.07 10.02
CA LYS A 114 -15.66 34.04 9.27
C LYS A 114 -17.15 33.81 9.44
N ILE A 115 -17.53 32.55 9.65
CA ILE A 115 -18.93 32.16 9.85
C ILE A 115 -19.59 32.91 11.01
N GLY A 116 -18.80 33.19 12.05
CA GLY A 116 -19.25 34.04 13.17
C GLY A 116 -19.52 35.45 12.69
N LEU A 117 -20.81 35.81 12.67
CA LEU A 117 -21.26 37.12 12.20
C LEU A 117 -22.66 37.42 12.70
N HIS B 6 4.80 6.22 -24.90
CA HIS B 6 3.73 7.23 -25.13
C HIS B 6 2.61 6.63 -26.00
N HIS B 7 2.45 7.16 -27.22
CA HIS B 7 1.46 6.66 -28.17
C HIS B 7 2.09 5.72 -29.20
N HIS B 8 3.39 5.46 -29.06
CA HIS B 8 4.11 4.53 -29.94
C HIS B 8 3.62 3.10 -29.76
N MET B 9 3.34 2.72 -28.51
CA MET B 9 2.78 1.42 -28.19
C MET B 9 1.29 1.38 -28.54
N LYS B 10 0.67 2.56 -28.59
CA LYS B 10 -0.77 2.67 -28.88
C LYS B 10 -1.08 2.42 -30.35
N ARG B 11 -0.18 2.84 -31.24
CA ARG B 11 -0.36 2.66 -32.67
C ARG B 11 0.20 1.31 -33.16
N LYS B 12 1.17 0.77 -32.42
CA LYS B 12 1.91 -0.45 -32.80
C LYS B 12 1.05 -1.72 -32.85
N HIS B 13 0.33 -2.00 -31.76
CA HIS B 13 -0.65 -3.07 -31.74
C HIS B 13 -2.01 -2.41 -31.52
N ILE B 14 -2.66 -2.06 -32.62
CA ILE B 14 -3.95 -1.36 -32.61
C ILE B 14 -5.04 -2.19 -33.26
N LYS B 15 -4.62 -3.14 -34.10
CA LYS B 15 -5.55 -4.04 -34.79
C LYS B 15 -6.14 -5.01 -33.77
N SER B 16 -5.30 -5.44 -32.83
CA SER B 16 -5.72 -6.37 -31.78
C SER B 16 -6.35 -5.62 -30.60
N LEU B 17 -5.93 -4.38 -30.40
CA LEU B 17 -6.49 -3.54 -29.36
C LEU B 17 -7.94 -3.14 -29.66
N ILE B 18 -8.25 -2.96 -30.95
CA ILE B 18 -9.59 -2.60 -31.40
C ILE B 18 -10.58 -3.75 -31.21
N GLU B 19 -10.21 -4.94 -31.67
CA GLU B 19 -11.08 -6.12 -31.59
C GLU B 19 -11.29 -6.60 -30.15
N LYS B 20 -10.64 -5.92 -29.21
CA LYS B 20 -10.87 -6.13 -27.78
C LYS B 20 -12.01 -5.25 -27.25
N ILE B 21 -12.56 -4.40 -28.11
CA ILE B 21 -13.72 -3.57 -27.77
C ILE B 21 -15.00 -4.15 -28.37
N PRO B 22 -15.99 -4.47 -27.51
CA PRO B 22 -17.29 -4.98 -27.97
C PRO B 22 -18.03 -3.98 -28.83
N THR B 23 -18.85 -4.48 -29.75
CA THR B 23 -19.61 -3.63 -30.66
C THR B 23 -20.89 -3.12 -30.00
N ALA B 24 -21.73 -4.04 -29.55
CA ALA B 24 -23.04 -3.72 -28.97
C ALA B 24 -22.93 -3.09 -27.57
N LYS B 25 -23.81 -2.15 -27.29
CA LYS B 25 -23.86 -1.43 -26.01
C LYS B 25 -23.87 -2.33 -24.76
N PRO B 26 -24.84 -3.27 -24.64
CA PRO B 26 -24.92 -4.05 -23.41
C PRO B 26 -23.69 -4.91 -23.16
N GLU B 27 -23.08 -5.36 -24.25
CA GLU B 27 -21.86 -6.16 -24.21
C GLU B 27 -20.64 -5.27 -23.92
N LEU B 28 -20.69 -4.02 -24.38
CA LEU B 28 -19.66 -3.03 -24.08
C LEU B 28 -19.70 -2.58 -22.62
N PHE B 29 -20.91 -2.36 -22.12
CA PHE B 29 -21.11 -1.91 -20.74
C PHE B 29 -20.75 -2.99 -19.74
N ALA B 30 -20.77 -4.24 -20.19
CA ALA B 30 -20.48 -5.38 -19.34
C ALA B 30 -18.99 -5.71 -19.30
N TYR B 31 -18.22 -5.12 -20.21
CA TYR B 31 -16.79 -5.39 -20.32
C TYR B 31 -16.06 -5.36 -18.97
N PRO B 32 -15.28 -6.42 -18.68
CA PRO B 32 -14.49 -6.55 -17.44
C PRO B 32 -13.30 -5.58 -17.39
N LEU B 33 -13.61 -4.29 -17.27
CA LEU B 33 -12.62 -3.22 -17.31
C LEU B 33 -11.63 -3.26 -16.15
N ASP B 34 -10.35 -3.33 -16.48
CA ASP B 34 -9.29 -3.34 -15.47
C ASP B 34 -9.12 -1.94 -14.89
N TRP B 35 -9.84 -1.67 -13.81
CA TRP B 35 -9.84 -0.36 -13.15
C TRP B 35 -8.49 0.02 -12.55
N SER B 36 -7.73 -0.97 -12.10
CA SER B 36 -6.42 -0.78 -11.47
C SER B 36 -5.53 0.21 -12.21
N ILE B 37 -5.60 0.19 -13.53
CA ILE B 37 -4.76 1.00 -14.41
C ILE B 37 -5.20 2.47 -14.46
N VAL B 38 -6.50 2.72 -14.30
CA VAL B 38 -7.06 4.07 -14.42
C VAL B 38 -6.66 4.95 -13.23
N ASP B 39 -5.50 5.58 -13.32
CA ASP B 39 -4.96 6.38 -12.23
C ASP B 39 -4.83 7.86 -12.59
N SER B 40 -4.32 8.65 -11.65
CA SER B 40 -4.17 10.09 -11.77
C SER B 40 -3.60 10.56 -13.12
N ILE B 41 -2.57 9.85 -13.60
CA ILE B 41 -1.90 10.19 -14.85
C ILE B 41 -2.80 9.97 -16.07
N LEU B 42 -3.41 8.79 -16.15
CA LEU B 42 -4.33 8.47 -17.24
C LEU B 42 -5.49 9.45 -17.28
N MET B 43 -5.89 9.90 -16.09
CA MET B 43 -6.96 10.88 -15.95
C MET B 43 -6.50 12.26 -16.40
N GLU B 44 -5.38 12.71 -15.86
CA GLU B 44 -4.84 14.04 -16.13
C GLU B 44 -4.45 14.27 -17.60
N ARG B 45 -3.94 13.22 -18.25
CA ARG B 45 -3.36 13.35 -19.59
C ARG B 45 -4.31 13.05 -20.75
N ARG B 46 -5.02 11.92 -20.71
CA ARG B 46 -5.85 11.49 -21.86
C ARG B 46 -7.36 11.59 -21.66
N ILE B 47 -7.86 11.22 -20.49
CA ILE B 47 -9.30 11.08 -20.28
C ILE B 47 -9.98 12.42 -20.00
N ARG B 48 -9.42 13.20 -19.08
CA ARG B 48 -10.03 14.48 -18.70
C ARG B 48 -10.14 15.48 -19.84
N PRO B 49 -9.05 15.69 -20.62
CA PRO B 49 -9.17 16.60 -21.77
C PRO B 49 -10.18 16.11 -22.81
N TRP B 50 -10.26 14.79 -23.00
CA TRP B 50 -11.23 14.21 -23.93
C TRP B 50 -12.66 14.56 -23.50
N ILE B 51 -12.98 14.31 -22.22
CA ILE B 51 -14.27 14.69 -21.65
C ILE B 51 -14.52 16.19 -21.83
N ASN B 52 -13.55 16.98 -21.41
CA ASN B 52 -13.59 18.45 -21.53
C ASN B 52 -13.98 18.90 -22.93
N LYS B 53 -13.34 18.29 -23.94
CA LYS B 53 -13.60 18.62 -25.34
C LYS B 53 -15.00 18.21 -25.79
N LYS B 54 -15.45 17.05 -25.30
CA LYS B 54 -16.78 16.52 -25.64
C LYS B 54 -17.89 17.38 -25.04
N ILE B 55 -17.64 17.94 -23.87
CA ILE B 55 -18.56 18.86 -23.21
C ILE B 55 -18.64 20.19 -23.97
N ILE B 56 -17.49 20.66 -24.48
CA ILE B 56 -17.46 21.85 -25.34
C ILE B 56 -18.21 21.58 -26.64
N GLU B 57 -18.19 20.32 -27.07
CA GLU B 57 -18.84 19.89 -28.30
C GLU B 57 -20.37 19.77 -28.11
N TYR B 58 -20.80 19.39 -26.91
CA TYR B 58 -22.23 19.17 -26.64
C TYR B 58 -22.92 20.43 -26.19
N ILE B 59 -22.34 21.08 -25.18
CA ILE B 59 -22.80 22.39 -24.75
C ILE B 59 -21.93 23.42 -25.49
N GLY B 60 -22.25 24.70 -25.35
CA GLY B 60 -21.55 25.75 -26.11
C GLY B 60 -20.07 25.94 -25.76
N GLU B 61 -19.83 26.18 -24.45
CA GLU B 61 -18.46 26.43 -23.98
C GLU B 61 -18.03 25.37 -22.96
N GLU B 62 -16.88 25.61 -22.33
CA GLU B 62 -16.35 24.76 -21.27
C GLU B 62 -17.21 24.89 -20.01
N GLU B 63 -17.52 23.75 -19.38
CA GLU B 63 -18.22 23.73 -18.10
C GLU B 63 -17.53 22.74 -17.17
N ALA B 64 -16.69 23.26 -16.29
CA ALA B 64 -15.76 22.46 -15.49
C ALA B 64 -16.44 21.56 -14.45
N THR B 65 -17.60 21.97 -13.98
CA THR B 65 -18.37 21.17 -13.00
C THR B 65 -18.84 19.87 -13.63
N LEU B 66 -19.29 19.96 -14.88
CA LEU B 66 -19.69 18.80 -15.69
C LEU B 66 -18.58 17.78 -15.82
N VAL B 67 -17.36 18.28 -16.03
CA VAL B 67 -16.20 17.44 -16.28
C VAL B 67 -15.76 16.79 -14.98
N ASP B 68 -15.62 17.60 -13.94
CA ASP B 68 -15.19 17.12 -12.63
C ASP B 68 -16.13 16.04 -12.11
N PHE B 69 -17.41 16.19 -12.42
CA PHE B 69 -18.41 15.19 -12.05
C PHE B 69 -18.17 13.85 -12.75
N VAL B 70 -18.02 13.89 -14.07
CA VAL B 70 -17.80 12.67 -14.85
C VAL B 70 -16.50 12.01 -14.39
N CYS B 71 -15.43 12.81 -14.34
CA CYS B 71 -14.13 12.33 -13.85
C CYS B 71 -14.25 11.59 -12.53
N SER B 72 -14.86 12.24 -11.54
CA SER B 72 -15.00 11.66 -10.20
C SER B 72 -15.67 10.28 -10.22
N LYS B 73 -16.74 10.15 -11.00
CA LYS B 73 -17.47 8.90 -11.18
C LYS B 73 -16.60 7.81 -11.78
N VAL B 74 -15.79 8.17 -12.78
CA VAL B 74 -14.84 7.25 -13.39
C VAL B 74 -13.76 6.88 -12.37
N MET B 75 -13.39 7.85 -11.54
CA MET B 75 -12.44 7.63 -10.46
C MET B 75 -13.03 6.73 -9.38
N ALA B 76 -14.36 6.77 -9.24
CA ALA B 76 -15.07 5.92 -8.29
C ALA B 76 -15.34 4.52 -8.85
N HIS B 77 -14.92 4.30 -10.09
CA HIS B 77 -15.17 3.05 -10.83
C HIS B 77 -16.67 2.75 -10.96
N SER B 78 -17.47 3.80 -11.21
CA SER B 78 -18.92 3.66 -11.36
C SER B 78 -19.31 2.86 -12.61
N SER B 79 -20.46 2.21 -12.53
CA SER B 79 -21.08 1.54 -13.67
C SER B 79 -21.32 2.55 -14.79
N PRO B 80 -21.08 2.14 -16.06
CA PRO B 80 -21.28 3.07 -17.18
C PRO B 80 -22.74 3.53 -17.29
N GLN B 81 -23.69 2.62 -17.10
CA GLN B 81 -25.10 2.98 -17.06
C GLN B 81 -25.37 4.03 -15.97
N SER B 82 -24.77 3.84 -14.80
CA SER B 82 -24.85 4.79 -13.70
C SER B 82 -24.42 6.19 -14.13
N ILE B 83 -23.29 6.27 -14.84
CA ILE B 83 -22.80 7.54 -15.35
C ILE B 83 -23.78 8.09 -16.38
N LEU B 84 -24.19 7.23 -17.32
CA LEU B 84 -25.13 7.60 -18.39
C LEU B 84 -26.42 8.23 -17.83
N ASP B 85 -26.96 7.61 -16.78
CA ASP B 85 -28.18 8.09 -16.14
C ASP B 85 -27.96 9.37 -15.33
N ASP B 86 -26.77 9.52 -14.77
CA ASP B 86 -26.47 10.73 -14.01
C ASP B 86 -26.22 11.90 -14.96
N VAL B 87 -25.63 11.62 -16.11
CA VAL B 87 -25.26 12.65 -17.07
C VAL B 87 -26.47 13.09 -17.91
N ALA B 88 -27.41 12.17 -18.12
CA ALA B 88 -28.64 12.47 -18.85
C ALA B 88 -29.45 13.59 -18.21
N MET B 89 -29.11 13.96 -16.97
CA MET B 89 -29.86 14.99 -16.26
C MET B 89 -29.50 16.39 -16.78
N VAL B 90 -28.41 16.46 -17.54
CA VAL B 90 -27.98 17.72 -18.14
C VAL B 90 -27.74 17.58 -19.63
N LEU B 91 -27.52 16.35 -20.07
CA LEU B 91 -27.34 16.06 -21.49
C LEU B 91 -28.22 14.87 -21.81
N ASP B 92 -29.52 15.12 -21.95
CA ASP B 92 -30.46 14.00 -22.13
C ASP B 92 -30.51 13.60 -23.58
N GLU B 93 -30.41 12.30 -23.81
CA GLU B 93 -30.50 11.70 -25.16
C GLU B 93 -29.25 11.95 -26.00
N GLU B 94 -28.27 12.64 -25.43
CA GLU B 94 -26.95 12.73 -26.05
C GLU B 94 -25.90 12.21 -25.09
N ALA B 95 -26.37 11.67 -23.97
CA ALA B 95 -25.50 11.13 -22.93
C ALA B 95 -25.09 9.68 -23.21
N GLU B 96 -25.97 8.92 -23.83
CA GLU B 96 -25.63 7.55 -24.23
C GLU B 96 -24.42 7.53 -25.17
N VAL B 97 -24.48 8.34 -26.22
CA VAL B 97 -23.38 8.44 -27.19
C VAL B 97 -22.09 8.88 -26.49
N PHE B 98 -22.24 9.80 -25.54
CA PHE B 98 -21.14 10.26 -24.72
C PHE B 98 -20.49 9.11 -23.94
N ILE B 99 -21.31 8.35 -23.22
CA ILE B 99 -20.80 7.31 -22.32
C ILE B 99 -20.28 6.07 -23.06
N VAL B 100 -20.99 5.67 -24.11
CA VAL B 100 -20.54 4.57 -24.98
C VAL B 100 -19.15 4.90 -25.53
N LYS B 101 -19.04 6.02 -26.24
CA LYS B 101 -17.76 6.47 -26.79
C LYS B 101 -16.66 6.58 -25.73
N MET B 102 -17.06 6.94 -24.52
CA MET B 102 -16.13 7.08 -23.41
C MET B 102 -15.66 5.73 -22.86
N TRP B 103 -16.57 4.75 -22.86
CA TRP B 103 -16.21 3.42 -22.39
C TRP B 103 -15.32 2.79 -23.44
N ARG B 104 -15.66 3.06 -24.69
CA ARG B 104 -14.86 2.68 -25.84
C ARG B 104 -13.45 3.27 -25.71
N LEU B 105 -13.37 4.46 -25.09
CA LEU B 105 -12.10 5.10 -24.78
C LEU B 105 -11.40 4.43 -23.60
N LEU B 106 -12.13 4.30 -22.50
CA LEU B 106 -11.61 3.71 -21.26
C LEU B 106 -11.02 2.33 -21.45
N ILE B 107 -11.71 1.48 -22.22
CA ILE B 107 -11.24 0.12 -22.49
C ILE B 107 -9.94 0.17 -23.28
N TYR B 108 -9.94 0.94 -24.36
CA TYR B 108 -8.79 1.06 -25.24
C TYR B 108 -7.56 1.59 -24.50
N GLU B 109 -7.73 2.74 -23.84
CA GLU B 109 -6.63 3.39 -23.14
C GLU B 109 -6.00 2.50 -22.08
N THR B 110 -6.85 1.77 -21.35
CA THR B 110 -6.38 0.92 -20.26
C THR B 110 -5.71 -0.34 -20.77
N GLU B 111 -6.21 -0.87 -21.89
CA GLU B 111 -5.59 -2.03 -22.53
C GLU B 111 -4.25 -1.64 -23.18
N ALA B 112 -4.19 -0.43 -23.72
CA ALA B 112 -2.97 0.10 -24.31
C ALA B 112 -1.85 0.19 -23.27
N LYS B 113 -2.20 0.52 -22.03
CA LYS B 113 -1.25 0.51 -20.94
C LYS B 113 -1.00 -0.91 -20.46
N LYS B 114 -2.00 -1.78 -20.67
CA LYS B 114 -1.94 -3.17 -20.21
C LYS B 114 -0.90 -3.98 -20.97
N ILE B 115 -0.57 -3.55 -22.19
CA ILE B 115 0.51 -4.17 -22.94
C ILE B 115 1.85 -3.53 -22.53
N GLY B 116 2.23 -3.77 -21.27
CA GLY B 116 3.53 -3.36 -20.74
C GLY B 116 4.46 -4.54 -20.82
N LEU B 117 3.93 -5.73 -20.52
CA LEU B 117 4.65 -6.99 -20.68
C LEU B 117 4.22 -7.69 -21.97
N LYS C 12 -7.63 -18.63 -3.96
CA LYS C 12 -8.33 -19.74 -3.26
C LYS C 12 -8.96 -19.27 -1.93
N HIS C 13 -10.18 -19.74 -1.67
CA HIS C 13 -10.92 -19.39 -0.46
C HIS C 13 -10.37 -20.21 0.71
N ILE C 14 -9.14 -19.87 1.12
CA ILE C 14 -8.42 -20.61 2.15
C ILE C 14 -8.75 -20.10 3.55
N LYS C 15 -8.92 -18.78 3.68
CA LYS C 15 -9.25 -18.15 4.95
C LYS C 15 -10.53 -18.75 5.54
N SER C 16 -11.60 -18.74 4.73
CA SER C 16 -12.92 -19.24 5.12
C SER C 16 -12.91 -20.69 5.61
N LEU C 17 -12.08 -21.52 5.01
CA LEU C 17 -11.96 -22.93 5.37
C LEU C 17 -11.41 -23.11 6.79
N ILE C 18 -10.38 -22.33 7.12
CA ILE C 18 -9.78 -22.38 8.44
C ILE C 18 -10.81 -22.07 9.50
N GLU C 19 -11.61 -21.05 9.24
CA GLU C 19 -12.62 -20.55 10.18
C GLU C 19 -13.78 -21.53 10.37
N LYS C 20 -13.98 -22.41 9.39
CA LYS C 20 -14.98 -23.45 9.49
C LYS C 20 -14.57 -24.51 10.52
N ILE C 21 -13.26 -24.77 10.62
CA ILE C 21 -12.77 -25.86 11.45
C ILE C 21 -12.68 -25.45 12.90
N PRO C 22 -13.38 -26.19 13.79
CA PRO C 22 -13.32 -25.96 15.23
C PRO C 22 -11.94 -26.19 15.81
N THR C 23 -11.62 -25.52 16.92
CA THR C 23 -10.32 -25.65 17.56
C THR C 23 -10.39 -26.47 18.85
N ALA C 24 -11.55 -26.49 19.49
CA ALA C 24 -11.73 -27.22 20.75
C ALA C 24 -12.31 -28.62 20.54
N LYS C 25 -11.77 -29.58 21.29
CA LYS C 25 -12.14 -30.99 21.21
C LYS C 25 -13.66 -31.27 21.14
N PRO C 26 -14.46 -30.74 22.11
CA PRO C 26 -15.90 -31.06 22.10
C PRO C 26 -16.59 -30.73 20.78
N GLU C 27 -16.51 -29.47 20.36
CA GLU C 27 -17.15 -29.03 19.13
C GLU C 27 -16.57 -29.78 17.93
N LEU C 28 -15.25 -29.81 17.85
CA LEU C 28 -14.57 -30.52 16.77
C LEU C 28 -15.10 -31.95 16.58
N PHE C 29 -15.17 -32.69 17.67
CA PHE C 29 -15.54 -34.10 17.65
C PHE C 29 -17.00 -34.27 17.25
N ALA C 30 -17.78 -33.20 17.43
CA ALA C 30 -19.17 -33.19 17.06
C ALA C 30 -19.41 -32.86 15.58
N TYR C 31 -18.40 -32.32 14.90
CA TYR C 31 -18.53 -31.87 13.51
C TYR C 31 -19.04 -32.95 12.56
N PRO C 32 -20.03 -32.59 11.70
CA PRO C 32 -20.56 -33.54 10.72
C PRO C 32 -19.58 -33.73 9.56
N LEU C 33 -18.47 -34.41 9.85
CA LEU C 33 -17.45 -34.69 8.85
C LEU C 33 -18.08 -35.48 7.70
N ASP C 34 -18.04 -34.89 6.51
CA ASP C 34 -18.53 -35.61 5.34
C ASP C 34 -17.58 -36.81 5.24
N TRP C 35 -18.15 -38.02 5.24
CA TRP C 35 -17.32 -39.22 5.24
C TRP C 35 -17.17 -39.71 3.81
N SER C 36 -18.12 -39.31 2.97
CA SER C 36 -18.19 -39.79 1.59
C SER C 36 -17.03 -39.28 0.73
N ILE C 37 -16.25 -38.35 1.28
CA ILE C 37 -15.16 -37.73 0.54
C ILE C 37 -13.79 -38.28 0.97
N VAL C 38 -13.79 -39.04 2.07
CA VAL C 38 -12.58 -39.75 2.51
C VAL C 38 -12.42 -41.07 1.76
N ASP C 39 -11.62 -41.04 0.70
CA ASP C 39 -11.37 -42.22 -0.13
C ASP C 39 -9.89 -42.63 -0.12
N SER C 40 -9.54 -43.62 -0.93
CA SER C 40 -8.19 -44.20 -0.96
C SER C 40 -7.11 -43.24 -1.45
N ILE C 41 -7.45 -42.43 -2.45
CA ILE C 41 -6.49 -41.47 -3.02
C ILE C 41 -6.14 -40.38 -2.00
N LEU C 42 -7.16 -39.89 -1.29
CA LEU C 42 -6.95 -38.91 -0.23
C LEU C 42 -6.19 -39.52 0.94
N MET C 43 -6.45 -40.80 1.23
CA MET C 43 -5.77 -41.48 2.33
C MET C 43 -4.28 -41.66 2.06
N GLU C 44 -3.94 -42.11 0.85
CA GLU C 44 -2.55 -42.42 0.49
C GLU C 44 -1.72 -41.16 0.33
N ARG C 45 -2.29 -40.15 -0.33
CA ARG C 45 -1.58 -38.92 -0.64
C ARG C 45 -1.34 -38.05 0.60
N ARG C 46 -2.40 -37.85 1.39
CA ARG C 46 -2.38 -36.79 2.42
C ARG C 46 -2.59 -37.21 3.89
N ILE C 47 -3.30 -38.31 4.12
CA ILE C 47 -3.64 -38.67 5.51
C ILE C 47 -2.71 -39.73 6.10
N ARG C 48 -2.24 -40.65 5.25
CA ARG C 48 -1.32 -41.71 5.71
C ARG C 48 0.10 -41.18 5.98
N PRO C 49 0.61 -40.27 5.11
CA PRO C 49 1.90 -39.66 5.41
C PRO C 49 1.86 -38.79 6.66
N TRP C 50 0.80 -37.99 6.81
CA TRP C 50 0.63 -37.12 7.96
C TRP C 50 0.63 -37.94 9.25
N ILE C 51 -0.14 -39.02 9.27
CA ILE C 51 -0.18 -39.91 10.42
C ILE C 51 1.22 -40.44 10.69
N ASN C 52 1.88 -40.94 9.65
CA ASN C 52 3.24 -41.46 9.76
C ASN C 52 4.22 -40.43 10.31
N LYS C 53 4.21 -39.22 9.76
CA LYS C 53 5.15 -38.19 10.22
C LYS C 53 4.90 -37.87 11.70
N LYS C 54 3.63 -37.90 12.10
CA LYS C 54 3.24 -37.61 13.47
C LYS C 54 3.75 -38.67 14.44
N ILE C 55 3.57 -39.94 14.08
CA ILE C 55 4.03 -41.05 14.91
C ILE C 55 5.54 -40.97 15.16
N ILE C 56 6.30 -40.74 14.09
CA ILE C 56 7.76 -40.56 14.17
C ILE C 56 8.10 -39.44 15.16
N GLU C 57 7.33 -38.36 15.09
CA GLU C 57 7.49 -37.19 15.95
C GLU C 57 7.26 -37.51 17.43
N TYR C 58 6.32 -38.42 17.70
CA TYR C 58 6.01 -38.84 19.07
C TYR C 58 6.94 -39.96 19.59
N ILE C 59 6.98 -41.08 18.86
CA ILE C 59 7.73 -42.26 19.31
C ILE C 59 9.24 -42.17 19.06
N GLY C 60 9.65 -41.23 18.21
CA GLY C 60 11.07 -41.05 17.88
C GLY C 60 11.55 -41.98 16.79
N GLU C 61 10.60 -42.65 16.12
CA GLU C 61 10.90 -43.66 15.09
C GLU C 61 9.63 -44.04 14.30
N GLU C 62 9.83 -44.72 13.19
CA GLU C 62 8.74 -45.18 12.31
C GLU C 62 8.12 -46.48 12.84
N GLU C 63 6.79 -46.57 12.81
CA GLU C 63 6.06 -47.76 13.31
C GLU C 63 4.76 -47.98 12.54
N ALA C 64 4.83 -48.81 11.50
CA ALA C 64 3.75 -48.91 10.50
C ALA C 64 2.46 -49.55 11.01
N THR C 65 2.56 -50.40 12.03
CA THR C 65 1.39 -51.07 12.58
C THR C 65 0.45 -50.06 13.23
N LEU C 66 1.03 -49.11 13.97
CA LEU C 66 0.29 -48.00 14.57
C LEU C 66 -0.32 -47.12 13.49
N VAL C 67 0.42 -46.88 12.41
CA VAL C 67 -0.04 -46.06 11.29
C VAL C 67 -1.28 -46.65 10.62
N ASP C 68 -1.18 -47.92 10.21
CA ASP C 68 -2.25 -48.62 9.50
C ASP C 68 -3.47 -48.91 10.37
N PHE C 69 -3.27 -48.91 11.69
CA PHE C 69 -4.37 -49.02 12.63
C PHE C 69 -5.22 -47.76 12.57
N VAL C 70 -4.59 -46.61 12.82
CA VAL C 70 -5.27 -45.33 12.81
C VAL C 70 -5.93 -45.13 11.45
N CYS C 71 -5.24 -45.56 10.39
CA CYS C 71 -5.77 -45.49 9.03
C CYS C 71 -7.01 -46.34 8.83
N SER C 72 -7.02 -47.53 9.42
CA SER C 72 -8.16 -48.43 9.30
C SER C 72 -9.38 -47.84 9.99
N LYS C 73 -9.16 -47.28 11.18
CA LYS C 73 -10.25 -46.68 11.97
C LYS C 73 -10.82 -45.44 11.29
N VAL C 74 -9.96 -44.71 10.56
CA VAL C 74 -10.42 -43.55 9.80
C VAL C 74 -11.27 -44.01 8.62
N MET C 75 -10.73 -44.96 7.85
CA MET C 75 -11.46 -45.55 6.73
C MET C 75 -12.77 -46.22 7.18
N ALA C 76 -12.73 -46.87 8.34
CA ALA C 76 -13.93 -47.43 8.97
C ALA C 76 -14.99 -46.37 9.26
N HIS C 77 -14.55 -45.12 9.41
CA HIS C 77 -15.38 -43.99 9.84
C HIS C 77 -15.69 -44.07 11.34
N SER C 78 -14.71 -44.50 12.13
CA SER C 78 -14.89 -44.55 13.58
C SER C 78 -15.03 -43.14 14.17
N SER C 79 -15.69 -43.05 15.32
CA SER C 79 -15.79 -41.79 16.05
C SER C 79 -14.40 -41.35 16.51
N PRO C 80 -14.14 -40.03 16.52
CA PRO C 80 -12.81 -39.53 16.92
C PRO C 80 -12.45 -39.88 18.36
N GLN C 81 -13.44 -39.89 19.24
CA GLN C 81 -13.23 -40.20 20.65
C GLN C 81 -12.73 -41.64 20.83
N SER C 82 -13.39 -42.58 20.14
CA SER C 82 -12.98 -43.97 20.20
C SER C 82 -11.54 -44.17 19.72
N ILE C 83 -11.19 -43.56 18.59
CA ILE C 83 -9.82 -43.63 18.08
C ILE C 83 -8.86 -43.10 19.13
N LEU C 84 -9.17 -41.93 19.69
CA LEU C 84 -8.40 -41.35 20.78
C LEU C 84 -8.15 -42.37 21.89
N ASP C 85 -9.22 -42.97 22.41
CA ASP C 85 -9.12 -43.90 23.54
C ASP C 85 -8.25 -45.11 23.24
N ASP C 86 -8.27 -45.54 21.99
CA ASP C 86 -7.45 -46.67 21.55
C ASP C 86 -5.99 -46.26 21.46
N VAL C 87 -5.71 -45.23 20.66
CA VAL C 87 -4.33 -44.75 20.49
C VAL C 87 -3.70 -44.33 21.82
N ALA C 88 -4.54 -43.95 22.78
CA ALA C 88 -4.07 -43.55 24.12
C ALA C 88 -3.38 -44.69 24.88
N MET C 89 -3.59 -45.93 24.42
CA MET C 89 -2.92 -47.08 25.01
C MET C 89 -1.43 -47.10 24.69
N VAL C 90 -1.08 -46.44 23.59
CA VAL C 90 0.30 -46.38 23.11
C VAL C 90 0.91 -44.98 23.35
N LEU C 91 0.06 -43.95 23.34
CA LEU C 91 0.52 -42.56 23.49
C LEU C 91 -0.22 -41.83 24.60
N ASP C 92 0.18 -42.08 25.85
CA ASP C 92 -0.57 -41.63 27.03
C ASP C 92 -0.90 -40.13 27.05
N GLU C 93 0.08 -39.28 26.79
CA GLU C 93 -0.11 -37.83 26.86
C GLU C 93 -0.35 -37.18 25.51
N GLU C 94 0.29 -37.72 24.47
CA GLU C 94 0.27 -37.14 23.14
C GLU C 94 -0.97 -37.54 22.33
N ALA C 95 -1.78 -38.43 22.87
CA ALA C 95 -2.96 -38.93 22.16
C ALA C 95 -3.94 -37.82 21.80
N GLU C 96 -4.42 -37.10 22.82
CA GLU C 96 -5.44 -36.07 22.64
C GLU C 96 -5.04 -35.08 21.56
N VAL C 97 -3.83 -34.53 21.68
CA VAL C 97 -3.28 -33.61 20.68
C VAL C 97 -3.27 -34.23 19.27
N PHE C 98 -2.71 -35.44 19.17
CA PHE C 98 -2.69 -36.19 17.93
C PHE C 98 -4.04 -36.20 17.21
N ILE C 99 -5.08 -36.67 17.89
CA ILE C 99 -6.40 -36.85 17.26
C ILE C 99 -7.11 -35.52 16.98
N VAL C 100 -6.90 -34.53 17.84
CA VAL C 100 -7.47 -33.20 17.58
C VAL C 100 -6.88 -32.62 16.29
N LYS C 101 -5.55 -32.54 16.21
CA LYS C 101 -4.89 -32.15 14.97
C LYS C 101 -5.38 -33.03 13.80
N MET C 102 -5.59 -34.32 14.07
CA MET C 102 -5.97 -35.28 13.04
C MET C 102 -7.33 -34.95 12.45
N TRP C 103 -8.30 -34.71 13.34
CA TRP C 103 -9.66 -34.44 12.95
C TRP C 103 -9.76 -33.11 12.20
N ARG C 104 -9.04 -32.11 12.70
CA ARG C 104 -8.93 -30.84 12.00
C ARG C 104 -8.47 -31.08 10.57
N LEU C 105 -7.44 -31.91 10.42
CA LEU C 105 -6.89 -32.29 9.11
C LEU C 105 -7.98 -32.86 8.21
N LEU C 106 -8.67 -33.90 8.70
CA LEU C 106 -9.73 -34.55 7.94
C LEU C 106 -10.79 -33.56 7.50
N ILE C 107 -11.20 -32.67 8.42
CA ILE C 107 -12.21 -31.66 8.11
C ILE C 107 -11.74 -30.72 7.00
N TYR C 108 -10.53 -30.16 7.16
CA TYR C 108 -10.02 -29.19 6.20
C TYR C 108 -9.95 -29.81 4.80
N GLU C 109 -9.18 -30.89 4.67
CA GLU C 109 -8.93 -31.54 3.39
C GLU C 109 -10.24 -31.99 2.73
N THR C 110 -11.16 -32.50 3.53
CA THR C 110 -12.49 -32.89 3.06
C THR C 110 -13.26 -31.69 2.48
N GLU C 111 -13.38 -30.62 3.26
CA GLU C 111 -14.16 -29.46 2.86
C GLU C 111 -13.49 -28.69 1.70
N ALA C 112 -12.18 -28.84 1.57
CA ALA C 112 -11.43 -28.26 0.45
C ALA C 112 -11.72 -29.02 -0.85
N LYS C 113 -11.64 -30.34 -0.78
CA LYS C 113 -11.88 -31.22 -1.92
C LYS C 113 -13.27 -31.00 -2.52
N LYS C 114 -14.27 -30.87 -1.65
CA LYS C 114 -15.63 -30.51 -2.07
C LYS C 114 -15.64 -29.13 -2.74
N ILE C 115 -14.99 -28.15 -2.11
CA ILE C 115 -14.87 -26.80 -2.67
C ILE C 115 -13.84 -26.74 -3.80
N HIS D 7 15.51 2.22 10.58
CA HIS D 7 16.31 1.06 10.11
C HIS D 7 17.69 1.04 10.76
N HIS D 8 18.17 2.21 11.17
CA HIS D 8 19.50 2.37 11.79
C HIS D 8 19.69 1.45 13.00
N MET D 9 18.71 1.46 13.88
CA MET D 9 18.75 0.68 15.12
C MET D 9 18.88 -0.81 14.88
N LYS D 10 18.21 -1.31 13.83
CA LYS D 10 18.23 -2.71 13.47
C LYS D 10 19.62 -3.14 13.11
N ARG D 11 20.31 -2.29 12.36
CA ARG D 11 21.65 -2.58 11.89
C ARG D 11 22.71 -2.22 12.92
N LYS D 12 22.39 -1.29 13.82
CA LYS D 12 23.34 -0.84 14.83
C LYS D 12 23.39 -1.78 16.03
N HIS D 13 22.24 -2.37 16.39
CA HIS D 13 22.13 -3.15 17.63
C HIS D 13 21.90 -4.65 17.46
N ILE D 14 22.35 -5.21 16.34
CA ILE D 14 22.21 -6.65 16.05
C ILE D 14 22.51 -7.51 17.27
N LYS D 15 23.68 -7.29 17.88
CA LYS D 15 24.17 -8.08 19.00
C LYS D 15 23.15 -8.18 20.11
N SER D 16 22.66 -7.03 20.57
CA SER D 16 21.70 -6.95 21.66
C SER D 16 20.34 -7.54 21.29
N LEU D 17 19.88 -7.24 20.09
CA LEU D 17 18.55 -7.61 19.66
C LEU D 17 18.44 -9.11 19.41
N ILE D 18 19.43 -9.66 18.71
CA ILE D 18 19.52 -11.10 18.49
C ILE D 18 19.55 -11.82 19.83
N GLU D 19 20.40 -11.31 20.73
CA GLU D 19 20.49 -11.79 22.10
C GLU D 19 19.13 -11.88 22.81
N LYS D 20 18.21 -10.99 22.47
CA LYS D 20 16.88 -10.97 23.09
C LYS D 20 15.95 -12.05 22.59
N ILE D 21 16.17 -12.51 21.36
CA ILE D 21 15.32 -13.54 20.77
C ILE D 21 15.65 -14.91 21.38
N PRO D 22 14.67 -15.57 22.02
CA PRO D 22 14.89 -16.94 22.45
C PRO D 22 15.15 -17.82 21.23
N THR D 23 15.98 -18.83 21.43
CA THR D 23 16.47 -19.62 20.31
C THR D 23 15.69 -20.92 20.17
N ALA D 24 15.03 -21.34 21.24
CA ALA D 24 14.17 -22.53 21.21
C ALA D 24 12.70 -22.12 21.10
N LYS D 25 11.93 -22.94 20.38
CA LYS D 25 10.53 -22.67 20.05
C LYS D 25 9.62 -22.38 21.26
N PRO D 26 9.75 -23.15 22.36
CA PRO D 26 8.84 -22.91 23.50
C PRO D 26 9.13 -21.59 24.22
N GLU D 27 10.40 -21.22 24.31
CA GLU D 27 10.79 -19.93 24.89
C GLU D 27 10.44 -18.79 23.94
N LEU D 28 10.59 -19.04 22.64
CA LEU D 28 10.30 -18.05 21.61
C LEU D 28 8.85 -17.63 21.71
N PHE D 29 7.98 -18.65 21.71
CA PHE D 29 6.54 -18.46 21.77
C PHE D 29 6.11 -17.77 23.06
N ALA D 30 6.83 -18.05 24.15
CA ALA D 30 6.54 -17.46 25.46
C ALA D 30 7.18 -16.09 25.67
N TYR D 31 7.88 -15.57 24.65
CA TYR D 31 8.54 -14.27 24.79
C TYR D 31 7.52 -13.18 25.10
N PRO D 32 7.74 -12.43 26.20
CA PRO D 32 6.82 -11.37 26.63
C PRO D 32 6.85 -10.17 25.67
N LEU D 33 6.17 -10.33 24.54
CA LEU D 33 6.22 -9.35 23.46
C LEU D 33 5.41 -8.10 23.80
N ASP D 34 6.03 -6.93 23.65
CA ASP D 34 5.34 -5.65 23.88
C ASP D 34 4.40 -5.38 22.71
N TRP D 35 3.19 -5.92 22.83
CA TRP D 35 2.19 -5.83 21.78
C TRP D 35 1.81 -4.39 21.43
N SER D 36 2.05 -3.46 22.34
CA SER D 36 1.65 -2.06 22.15
C SER D 36 2.48 -1.36 21.07
N ILE D 37 3.53 -2.04 20.61
CA ILE D 37 4.39 -1.50 19.56
C ILE D 37 4.02 -2.13 18.22
N VAL D 38 3.19 -3.16 18.27
CA VAL D 38 2.67 -3.79 17.06
C VAL D 38 1.45 -3.01 16.63
N ASP D 39 1.70 -1.99 15.82
CA ASP D 39 0.68 -1.04 15.40
C ASP D 39 0.48 -1.08 13.89
N SER D 40 -0.62 -0.45 13.46
CA SER D 40 -0.96 -0.32 12.05
C SER D 40 0.24 0.02 11.16
N ILE D 41 1.12 0.89 11.67
CA ILE D 41 2.26 1.38 10.92
C ILE D 41 3.28 0.28 10.68
N LEU D 42 3.65 -0.41 11.77
CA LEU D 42 4.58 -1.54 11.69
C LEU D 42 4.05 -2.60 10.72
N MET D 43 2.74 -2.81 10.75
CA MET D 43 2.08 -3.76 9.84
C MET D 43 2.16 -3.30 8.39
N GLU D 44 2.08 -1.98 8.18
CA GLU D 44 2.02 -1.43 6.83
C GLU D 44 3.39 -1.42 6.20
N ARG D 45 4.39 -1.00 6.96
CA ARG D 45 5.76 -0.90 6.43
C ARG D 45 6.47 -2.27 6.40
N ARG D 46 6.34 -3.05 7.48
CA ARG D 46 7.27 -4.17 7.70
C ARG D 46 6.72 -5.61 7.79
N ILE D 47 5.53 -5.77 8.40
CA ILE D 47 5.06 -7.13 8.71
C ILE D 47 4.16 -7.72 7.65
N ARG D 48 3.27 -6.91 7.09
CA ARG D 48 2.38 -7.43 6.04
C ARG D 48 3.15 -7.70 4.75
N PRO D 49 4.09 -6.82 4.36
CA PRO D 49 4.94 -7.12 3.22
C PRO D 49 5.71 -8.42 3.42
N TRP D 50 6.19 -8.67 4.64
CA TRP D 50 6.90 -9.90 4.95
C TRP D 50 5.98 -11.13 4.86
N ILE D 51 4.81 -11.06 5.49
CA ILE D 51 3.85 -12.15 5.41
C ILE D 51 3.43 -12.41 3.97
N ASN D 52 3.18 -11.33 3.22
CA ASN D 52 2.82 -11.44 1.83
C ASN D 52 3.89 -12.16 1.00
N LYS D 53 5.15 -11.78 1.17
CA LYS D 53 6.24 -12.40 0.41
C LYS D 53 6.36 -13.89 0.74
N LYS D 54 6.28 -14.21 2.03
CA LYS D 54 6.40 -15.58 2.51
C LYS D 54 5.27 -16.48 2.00
N ILE D 55 4.05 -15.96 2.00
CA ILE D 55 2.89 -16.71 1.50
C ILE D 55 3.04 -17.03 0.00
N ILE D 56 3.61 -16.09 -0.76
CA ILE D 56 3.89 -16.32 -2.19
C ILE D 56 4.88 -17.47 -2.37
N GLU D 57 5.93 -17.49 -1.57
CA GLU D 57 6.94 -18.54 -1.70
C GLU D 57 6.44 -19.90 -1.22
N TYR D 58 5.26 -19.91 -0.58
CA TYR D 58 4.67 -21.14 -0.08
C TYR D 58 3.62 -21.73 -1.02
N ILE D 59 2.88 -20.88 -1.72
CA ILE D 59 1.87 -21.34 -2.66
C ILE D 59 2.09 -20.81 -4.09
N GLY D 60 3.31 -20.36 -4.38
CA GLY D 60 3.70 -19.88 -5.73
C GLY D 60 2.72 -18.91 -6.37
N GLU D 61 2.09 -18.09 -5.53
CA GLU D 61 1.00 -17.20 -5.94
C GLU D 61 0.66 -16.31 -4.75
N GLU D 62 0.13 -15.13 -5.02
CA GLU D 62 -0.29 -14.20 -3.96
C GLU D 62 -1.75 -14.45 -3.59
N GLU D 63 -2.00 -14.74 -2.31
CA GLU D 63 -3.38 -14.88 -1.82
C GLU D 63 -3.70 -13.97 -0.63
N ALA D 64 -4.29 -12.82 -0.94
CA ALA D 64 -4.51 -11.75 0.03
C ALA D 64 -5.39 -12.12 1.22
N THR D 65 -6.33 -13.06 1.01
CA THR D 65 -7.20 -13.53 2.10
C THR D 65 -6.39 -14.17 3.22
N LEU D 66 -5.38 -14.95 2.84
CA LEU D 66 -4.54 -15.63 3.82
C LEU D 66 -3.65 -14.65 4.56
N VAL D 67 -3.00 -13.77 3.79
CA VAL D 67 -2.17 -12.71 4.34
C VAL D 67 -2.91 -11.88 5.38
N ASP D 68 -4.14 -11.48 5.04
CA ASP D 68 -4.92 -10.60 5.90
C ASP D 68 -5.53 -11.33 7.06
N PHE D 69 -5.62 -12.65 6.93
CA PHE D 69 -6.01 -13.52 8.04
C PHE D 69 -4.92 -13.52 9.12
N VAL D 70 -3.68 -13.78 8.71
CA VAL D 70 -2.55 -13.86 9.66
C VAL D 70 -2.37 -12.49 10.35
N CYS D 71 -2.44 -11.43 9.55
CA CYS D 71 -2.39 -10.07 10.05
C CYS D 71 -3.47 -9.83 11.11
N SER D 72 -4.68 -10.33 10.85
CA SER D 72 -5.77 -10.23 11.80
C SER D 72 -5.35 -10.79 13.14
N LYS D 73 -4.75 -11.98 13.09
CA LYS D 73 -4.34 -12.69 14.30
C LYS D 73 -3.22 -11.97 15.04
N VAL D 74 -2.29 -11.40 14.27
CA VAL D 74 -1.16 -10.67 14.85
C VAL D 74 -1.67 -9.44 15.59
N MET D 75 -2.53 -8.66 14.95
CA MET D 75 -3.09 -7.46 15.61
C MET D 75 -3.90 -7.80 16.86
N ALA D 76 -4.43 -9.02 16.92
CA ALA D 76 -5.23 -9.48 18.04
C ALA D 76 -4.32 -10.01 19.14
N HIS D 77 -3.01 -9.91 18.92
CA HIS D 77 -2.00 -10.44 19.83
C HIS D 77 -2.22 -11.94 20.04
N SER D 78 -2.73 -12.61 19.02
CA SER D 78 -3.01 -14.03 19.11
C SER D 78 -1.74 -14.77 19.48
N SER D 79 -1.90 -15.91 20.14
CA SER D 79 -0.76 -16.77 20.49
C SER D 79 -0.16 -17.34 19.23
N PRO D 80 1.19 -17.42 19.17
CA PRO D 80 1.83 -18.02 17.99
C PRO D 80 1.27 -19.41 17.71
N GLN D 81 1.19 -20.25 18.73
CA GLN D 81 0.64 -21.60 18.59
C GLN D 81 -0.73 -21.60 17.91
N SER D 82 -1.69 -20.83 18.41
CA SER D 82 -3.00 -20.77 17.77
C SER D 82 -2.90 -20.43 16.28
N ILE D 83 -2.06 -19.46 15.93
CA ILE D 83 -1.85 -19.13 14.53
C ILE D 83 -1.29 -20.35 13.77
N LEU D 84 -0.24 -20.95 14.34
CA LEU D 84 0.39 -22.16 13.79
C LEU D 84 -0.64 -23.27 13.56
N ASP D 85 -1.49 -23.55 14.55
CA ASP D 85 -2.50 -24.58 14.41
C ASP D 85 -3.36 -24.39 13.17
N ASP D 86 -3.70 -23.14 12.86
CA ASP D 86 -4.55 -22.82 11.71
C ASP D 86 -3.79 -22.89 10.40
N VAL D 87 -2.54 -22.44 10.42
CA VAL D 87 -1.73 -22.30 9.21
C VAL D 87 -1.16 -23.67 8.76
N ALA D 88 -0.88 -24.54 9.73
CA ALA D 88 -0.37 -25.90 9.47
C ALA D 88 -1.33 -26.76 8.64
N MET D 89 -2.52 -26.25 8.39
CA MET D 89 -3.46 -26.93 7.52
C MET D 89 -3.22 -26.54 6.07
N VAL D 90 -2.66 -25.36 5.87
CA VAL D 90 -2.37 -24.87 4.51
C VAL D 90 -0.90 -25.05 4.12
N LEU D 91 -0.01 -25.01 5.11
CA LEU D 91 1.44 -25.03 4.82
C LEU D 91 2.12 -26.28 5.34
N ASP D 92 1.36 -27.10 6.07
CA ASP D 92 1.83 -28.39 6.62
C ASP D 92 3.11 -28.23 7.45
N GLU D 93 4.20 -28.81 6.95
CA GLU D 93 5.49 -28.80 7.63
C GLU D 93 6.18 -27.43 7.57
N GLU D 94 5.89 -26.66 6.53
CA GLU D 94 6.50 -25.34 6.35
C GLU D 94 5.83 -24.26 7.22
N ALA D 95 4.74 -24.64 7.89
CA ALA D 95 4.00 -23.71 8.74
C ALA D 95 4.79 -23.39 10.00
N GLU D 96 5.46 -24.39 10.57
CA GLU D 96 6.26 -24.18 11.79
C GLU D 96 7.45 -23.26 11.55
N VAL D 97 8.16 -23.48 10.44
CA VAL D 97 9.20 -22.57 10.00
C VAL D 97 8.63 -21.16 9.85
N PHE D 98 7.50 -21.06 9.15
CA PHE D 98 6.82 -19.77 8.94
C PHE D 98 6.57 -19.04 10.25
N ILE D 99 5.81 -19.66 11.16
CA ILE D 99 5.46 -19.00 12.42
C ILE D 99 6.70 -18.63 13.25
N VAL D 100 7.67 -19.54 13.34
CA VAL D 100 8.92 -19.24 14.05
C VAL D 100 9.56 -17.97 13.48
N LYS D 101 9.89 -17.98 12.19
CA LYS D 101 10.53 -16.82 11.56
C LYS D 101 9.75 -15.52 11.84
N MET D 102 8.42 -15.60 11.74
CA MET D 102 7.55 -14.45 12.00
C MET D 102 7.63 -13.96 13.43
N TRP D 103 7.80 -14.88 14.37
CA TRP D 103 7.94 -14.49 15.77
C TRP D 103 9.30 -13.86 16.00
N ARG D 104 10.33 -14.35 15.29
CA ARG D 104 11.65 -13.75 15.38
C ARG D 104 11.52 -12.31 14.90
N LEU D 105 10.81 -12.14 13.78
CA LEU D 105 10.56 -10.83 13.17
C LEU D 105 9.85 -9.88 14.14
N LEU D 106 8.78 -10.34 14.76
CA LEU D 106 8.04 -9.52 15.71
C LEU D 106 8.90 -9.04 16.88
N ILE D 107 9.77 -9.91 17.40
CA ILE D 107 10.65 -9.56 18.52
C ILE D 107 11.75 -8.59 18.10
N TYR D 108 12.31 -8.80 16.90
CA TYR D 108 13.39 -7.96 16.42
C TYR D 108 12.95 -6.53 16.13
N GLU D 109 11.83 -6.39 15.41
CA GLU D 109 11.32 -5.11 14.99
C GLU D 109 10.77 -4.36 16.19
N THR D 110 10.14 -5.10 17.08
CA THR D 110 9.43 -4.51 18.20
C THR D 110 10.37 -3.95 19.27
N GLU D 111 11.56 -4.54 19.37
CA GLU D 111 12.56 -4.10 20.34
C GLU D 111 13.41 -2.98 19.76
N ALA D 112 13.60 -3.02 18.44
CA ALA D 112 14.39 -2.01 17.72
C ALA D 112 13.72 -0.64 17.81
N LYS D 113 12.40 -0.62 17.71
CA LYS D 113 11.64 0.61 17.92
C LYS D 113 11.77 1.02 19.39
N LYS D 114 11.70 0.02 20.27
CA LYS D 114 11.70 0.23 21.72
C LYS D 114 12.98 0.87 22.26
N ILE D 115 14.10 0.74 21.54
CA ILE D 115 15.30 1.48 21.90
C ILE D 115 15.23 2.91 21.36
N LYS E 12 19.12 17.26 9.78
CA LYS E 12 19.19 17.43 11.26
C LYS E 12 18.67 18.79 11.71
N HIS E 13 18.79 19.80 10.85
CA HIS E 13 18.26 21.13 11.10
C HIS E 13 17.94 21.83 9.78
N ILE E 14 16.69 21.69 9.33
CA ILE E 14 16.22 22.22 8.05
C ILE E 14 16.19 23.75 8.01
N LYS E 15 15.91 24.36 9.16
CA LYS E 15 15.84 25.82 9.31
C LYS E 15 17.05 26.56 8.75
N SER E 16 18.23 25.98 8.94
CA SER E 16 19.49 26.54 8.46
C SER E 16 19.88 26.00 7.09
N LEU E 17 19.32 24.83 6.75
CA LEU E 17 19.58 24.16 5.47
C LEU E 17 18.92 24.90 4.31
N ILE E 18 17.61 25.08 4.39
CA ILE E 18 16.84 25.75 3.34
C ILE E 18 17.22 27.23 3.24
N GLU E 19 17.36 27.90 4.39
CA GLU E 19 17.78 29.30 4.43
C GLU E 19 19.13 29.54 3.73
N LYS E 20 19.85 28.45 3.46
CA LYS E 20 21.13 28.52 2.76
C LYS E 20 20.97 28.19 1.27
N ILE E 21 19.73 27.95 0.84
CA ILE E 21 19.43 27.69 -0.58
C ILE E 21 18.97 28.95 -1.30
N PRO E 22 19.54 29.22 -2.49
CA PRO E 22 19.23 30.45 -3.23
C PRO E 22 17.89 30.39 -3.97
N THR E 23 17.25 31.54 -4.13
CA THR E 23 15.95 31.62 -4.81
C THR E 23 16.08 32.01 -6.28
N ALA E 24 17.02 32.90 -6.59
CA ALA E 24 17.20 33.40 -7.95
C ALA E 24 17.87 32.39 -8.88
N LYS E 25 17.48 32.41 -10.16
CA LYS E 25 17.97 31.45 -11.15
C LYS E 25 19.50 31.53 -11.37
N PRO E 26 20.04 32.73 -11.70
CA PRO E 26 21.49 32.79 -11.92
C PRO E 26 22.27 32.55 -10.63
N GLU E 27 21.72 33.01 -9.51
CA GLU E 27 22.34 32.85 -8.19
C GLU E 27 22.39 31.38 -7.76
N LEU E 28 21.32 30.64 -8.06
CA LEU E 28 21.23 29.23 -7.68
C LEU E 28 22.32 28.40 -8.35
N PHE E 29 22.52 28.63 -9.64
CA PHE E 29 23.57 27.94 -10.39
C PHE E 29 24.96 28.39 -9.94
N ALA E 30 25.09 29.67 -9.62
CA ALA E 30 26.37 30.26 -9.19
C ALA E 30 26.80 29.80 -7.80
N TYR E 31 25.98 28.95 -7.17
CA TYR E 31 26.30 28.36 -5.88
C TYR E 31 27.39 27.30 -6.07
N PRO E 32 28.53 27.46 -5.39
CA PRO E 32 29.60 26.46 -5.46
C PRO E 32 29.28 25.26 -4.57
N LEU E 33 28.41 24.37 -5.06
CA LEU E 33 28.03 23.18 -4.32
C LEU E 33 29.23 22.27 -4.12
N ASP E 34 29.35 21.70 -2.92
CA ASP E 34 30.46 20.82 -2.58
C ASP E 34 30.32 19.45 -3.27
N TRP E 35 31.18 19.23 -4.25
CA TRP E 35 31.15 18.02 -5.08
C TRP E 35 31.70 16.79 -4.33
N SER E 36 32.69 17.03 -3.47
CA SER E 36 33.33 15.96 -2.69
C SER E 36 32.37 15.25 -1.75
N ILE E 37 31.31 15.96 -1.36
CA ILE E 37 30.26 15.40 -0.50
C ILE E 37 29.24 14.62 -1.36
N VAL E 38 29.11 14.99 -2.62
CA VAL E 38 28.24 14.28 -3.56
C VAL E 38 28.86 12.95 -3.99
N ASP E 39 28.73 11.94 -3.15
CA ASP E 39 29.33 10.62 -3.39
C ASP E 39 28.38 9.70 -4.16
N SER E 40 28.93 8.58 -4.65
CA SER E 40 28.17 7.58 -5.42
C SER E 40 27.08 6.90 -4.58
N ILE E 41 27.13 7.14 -3.27
CA ILE E 41 26.17 6.59 -2.31
C ILE E 41 24.89 7.44 -2.25
N LEU E 42 25.05 8.77 -2.30
CA LEU E 42 23.91 9.68 -2.37
C LEU E 42 23.23 9.56 -3.73
N MET E 43 23.99 9.14 -4.73
CA MET E 43 23.49 8.90 -6.09
C MET E 43 22.52 7.72 -6.13
N GLU E 44 22.91 6.61 -5.51
CA GLU E 44 22.11 5.39 -5.54
C GLU E 44 20.91 5.41 -4.58
N ARG E 45 21.00 6.23 -3.53
CA ARG E 45 19.98 6.24 -2.49
C ARG E 45 19.00 7.41 -2.60
N ARG E 46 19.51 8.60 -2.93
CA ARG E 46 18.69 9.83 -2.88
C ARG E 46 18.51 10.58 -4.21
N ILE E 47 19.50 10.49 -5.10
CA ILE E 47 19.47 11.27 -6.36
C ILE E 47 18.67 10.58 -7.46
N ARG E 48 18.98 9.30 -7.72
CA ARG E 48 18.33 8.53 -8.78
C ARG E 48 16.81 8.39 -8.65
N PRO E 49 16.29 8.05 -7.43
CA PRO E 49 14.84 7.94 -7.30
C PRO E 49 14.09 9.26 -7.51
N TRP E 50 14.72 10.37 -7.15
CA TRP E 50 14.14 11.70 -7.35
C TRP E 50 14.05 12.02 -8.84
N ILE E 51 15.17 11.86 -9.55
CA ILE E 51 15.23 12.11 -10.99
C ILE E 51 14.23 11.25 -11.75
N ASN E 52 14.22 9.95 -11.45
CA ASN E 52 13.32 8.99 -12.08
C ASN E 52 11.85 9.38 -11.94
N LYS E 53 11.47 9.78 -10.74
CA LYS E 53 10.10 10.19 -10.42
C LYS E 53 9.67 11.40 -11.25
N LYS E 54 10.63 12.26 -11.58
CA LYS E 54 10.37 13.46 -12.37
C LYS E 54 10.10 13.14 -13.83
N ILE E 55 10.76 12.11 -14.34
CA ILE E 55 10.60 11.72 -15.74
C ILE E 55 9.21 11.14 -16.01
N ILE E 56 8.73 10.29 -15.10
CA ILE E 56 7.35 9.79 -15.14
C ILE E 56 6.42 11.00 -15.18
N GLU E 57 6.74 11.97 -14.32
CA GLU E 57 5.95 13.18 -14.14
C GLU E 57 5.88 14.03 -15.41
N TYR E 58 6.99 14.14 -16.13
CA TYR E 58 7.04 14.97 -17.34
C TYR E 58 6.68 14.22 -18.62
N ILE E 59 7.14 12.98 -18.74
CA ILE E 59 6.91 12.16 -19.93
C ILE E 59 5.85 11.08 -19.68
N GLU E 61 5.33 7.04 -19.27
CA GLU E 61 5.99 6.02 -18.47
C GLU E 61 7.30 6.54 -17.90
N GLU E 62 7.88 5.81 -16.95
CA GLU E 62 9.25 6.07 -16.52
C GLU E 62 10.12 5.92 -17.76
N GLU E 63 10.75 7.02 -18.18
CA GLU E 63 11.65 6.97 -19.33
C GLU E 63 13.04 6.66 -18.81
N ALA E 64 13.39 5.37 -18.88
CA ALA E 64 14.65 4.85 -18.32
C ALA E 64 15.87 5.32 -19.09
N THR E 65 15.70 5.48 -20.41
CA THR E 65 16.78 5.92 -21.29
C THR E 65 17.33 7.29 -20.91
N LEU E 66 16.42 8.25 -20.70
CA LEU E 66 16.79 9.62 -20.34
C LEU E 66 17.40 9.74 -18.95
N VAL E 67 16.85 8.98 -18.00
CA VAL E 67 17.30 9.02 -16.60
C VAL E 67 18.81 8.85 -16.47
N ASP E 68 19.34 7.80 -17.10
CA ASP E 68 20.77 7.50 -17.07
C ASP E 68 21.63 8.68 -17.50
N PHE E 69 21.22 9.35 -18.58
CA PHE E 69 21.95 10.50 -19.12
C PHE E 69 22.16 11.61 -18.08
N VAL E 70 21.13 11.92 -17.31
CA VAL E 70 21.21 13.00 -16.32
C VAL E 70 22.14 12.61 -15.19
N CYS E 71 21.94 11.41 -14.63
CA CYS E 71 22.75 10.89 -13.54
C CYS E 71 24.23 10.93 -13.89
N SER E 72 24.54 10.56 -15.13
CA SER E 72 25.91 10.56 -15.64
C SER E 72 26.49 11.97 -15.66
N LYS E 73 25.68 12.93 -16.13
CA LYS E 73 26.14 14.30 -16.27
C LYS E 73 26.33 15.00 -14.91
N VAL E 74 25.55 14.59 -13.92
CA VAL E 74 25.71 15.13 -12.56
C VAL E 74 26.89 14.47 -11.87
N MET E 75 27.18 13.23 -12.25
CA MET E 75 28.35 12.50 -11.75
C MET E 75 29.66 13.08 -12.29
N ALA E 76 29.57 13.74 -13.44
CA ALA E 76 30.72 14.43 -14.04
C ALA E 76 30.82 15.88 -13.56
N HIS E 77 29.94 16.24 -12.63
CA HIS E 77 29.87 17.59 -12.03
C HIS E 77 29.77 18.72 -13.06
N SER E 78 29.11 18.44 -14.19
CA SER E 78 28.98 19.41 -15.28
C SER E 78 28.19 20.65 -14.86
N SER E 79 28.34 21.72 -15.64
CA SER E 79 27.61 22.97 -15.42
C SER E 79 26.10 22.68 -15.36
N PRO E 80 25.42 23.21 -14.32
CA PRO E 80 23.97 23.06 -14.21
C PRO E 80 23.25 23.71 -15.38
N GLN E 81 23.91 24.64 -16.04
CA GLN E 81 23.40 25.25 -17.26
C GLN E 81 23.61 24.31 -18.44
N SER E 82 24.78 23.66 -18.49
CA SER E 82 25.10 22.71 -19.55
C SER E 82 24.14 21.52 -19.56
N ILE E 83 23.78 21.04 -18.37
CA ILE E 83 22.78 19.99 -18.23
C ILE E 83 21.42 20.49 -18.71
N LEU E 84 21.05 21.68 -18.27
CA LEU E 84 19.79 22.31 -18.64
C LEU E 84 19.65 22.39 -20.16
N ASP E 85 20.70 22.85 -20.82
CA ASP E 85 20.71 22.97 -22.27
C ASP E 85 20.63 21.60 -22.96
N ASP E 86 21.13 20.56 -22.28
CA ASP E 86 21.06 19.20 -22.80
C ASP E 86 19.67 18.59 -22.66
N VAL E 87 19.16 18.56 -21.43
CA VAL E 87 17.87 17.93 -21.14
C VAL E 87 16.73 18.57 -21.95
N ALA E 88 16.85 19.88 -22.17
CA ALA E 88 15.87 20.66 -22.93
C ALA E 88 15.59 20.14 -24.34
N MET E 89 16.46 19.27 -24.85
CA MET E 89 16.29 18.71 -26.20
C MET E 89 15.11 17.74 -26.25
N VAL E 90 14.81 17.11 -25.13
CA VAL E 90 13.70 16.15 -25.01
C VAL E 90 12.55 16.72 -24.19
N LEU E 91 12.84 17.80 -23.46
CA LEU E 91 11.83 18.50 -22.67
C LEU E 91 11.93 19.98 -23.03
N ASP E 92 11.22 20.35 -24.09
CA ASP E 92 11.37 21.69 -24.68
C ASP E 92 11.28 22.82 -23.64
N GLU E 93 10.27 22.74 -22.77
CA GLU E 93 10.00 23.83 -21.82
C GLU E 93 10.19 23.41 -20.36
N GLU E 94 9.80 22.18 -20.05
CA GLU E 94 9.80 21.70 -18.67
C GLU E 94 11.20 21.31 -18.14
N ALA E 95 12.22 21.49 -18.97
CA ALA E 95 13.60 21.24 -18.55
C ALA E 95 14.21 22.38 -17.72
N GLU E 96 13.65 23.58 -17.87
CA GLU E 96 14.04 24.75 -17.08
C GLU E 96 13.70 24.54 -15.60
N VAL E 97 12.49 24.08 -15.34
CA VAL E 97 11.98 23.88 -13.98
C VAL E 97 12.59 22.62 -13.37
N PHE E 98 12.90 21.65 -14.21
CA PHE E 98 13.44 20.36 -13.80
C PHE E 98 14.79 20.48 -13.09
N ILE E 99 15.74 21.17 -13.73
CA ILE E 99 17.08 21.37 -13.19
C ILE E 99 17.06 22.27 -11.95
N VAL E 100 16.23 23.31 -11.98
CA VAL E 100 16.11 24.23 -10.85
C VAL E 100 15.81 23.48 -9.55
N LYS E 101 14.78 22.63 -9.59
CA LYS E 101 14.41 21.84 -8.43
C LYS E 101 15.49 20.81 -8.04
N MET E 102 16.20 20.29 -9.04
CA MET E 102 17.25 19.29 -8.79
C MET E 102 18.43 19.88 -8.06
N TRP E 103 18.93 21.00 -8.56
CA TRP E 103 20.12 21.64 -8.00
C TRP E 103 19.84 22.07 -6.56
N ARG E 104 18.58 22.38 -6.29
CA ARG E 104 18.12 22.69 -4.94
C ARG E 104 18.22 21.45 -4.05
N LEU E 105 17.90 20.29 -4.62
CA LEU E 105 18.01 19.01 -3.91
C LEU E 105 19.46 18.69 -3.54
N LEU E 106 20.36 18.86 -4.50
CA LEU E 106 21.78 18.63 -4.28
C LEU E 106 22.30 19.57 -3.18
N ILE E 107 22.04 20.86 -3.34
CA ILE E 107 22.42 21.86 -2.34
C ILE E 107 21.92 21.50 -0.95
N TYR E 108 20.71 20.96 -0.87
CA TYR E 108 20.13 20.52 0.39
C TYR E 108 20.82 19.28 0.94
N GLU E 109 21.00 18.27 0.09
CA GLU E 109 21.55 16.98 0.51
C GLU E 109 23.07 17.01 0.73
N THR E 110 23.70 18.08 0.27
CA THR E 110 25.13 18.31 0.51
C THR E 110 25.37 18.68 1.97
N GLU E 111 24.74 19.76 2.41
CA GLU E 111 24.89 20.26 3.78
C GLU E 111 24.16 19.39 4.82
N ALA E 112 23.25 18.54 4.34
CA ALA E 112 22.55 17.59 5.19
C ALA E 112 23.46 16.44 5.64
N LYS E 113 24.45 16.13 4.81
CA LYS E 113 25.47 15.14 5.16
C LYS E 113 26.55 15.80 6.03
N LYS E 114 26.95 17.02 5.64
CA LYS E 114 27.98 17.77 6.37
C LYS E 114 27.34 18.74 7.36
#